data_7X9R
#
_entry.id   7X9R
#
_cell.length_a   74.736
_cell.length_b   85.779
_cell.length_c   104.310
_cell.angle_alpha   90.000
_cell.angle_beta   90.000
_cell.angle_gamma   90.000
#
_symmetry.space_group_name_H-M   'P 21 21 21'
#
loop_
_entity.id
_entity.type
_entity.pdbx_description
1 polymer 'Glycosyl transferase family 2'
2 water water
#
_entity_poly.entity_id   1
_entity_poly.type   'polypeptide(L)'
_entity_poly.pdbx_seq_one_letter_code
;GSAKDPRGVIHEQLEAIDKRPIAAGVAEVKIYHYGYMSEIVEKQDKSDRNLRLLEKEVKNNKNSGFVHFNIGQEMNRLGN
KKEALKEFSEAFRLRDHNHYIWAKLSAYHIAELLEQEKRYDESLAIIEEARVIWPNVPEFPLKKANILYVNHQLEDAKEI
YQSLLENAAIDYQPIVLYEATNFMPHKMLGTIYLEEKDYTRAMTHFSKAYAENSSDYGVMFQMIMLLSKFHQPKEIFAFM
ERHHFISSTETGLRLLSMTTQQGYAELSELIVQSLTDVYPPVAEATEVKIATIRNVFPVISESAILFGIKEELIDAADLC
LWHYENPQLPIENVMKNSDVGDIYDFIFENGPRISKKRYLFVLERAIALGKGEFADYLLALRNVYHDSINSHIADLFFQY
DFADIALDFYNIVDADEVTKQGYINLINYLVDADVLDEALAIAERGIDNFSTDFRFYLWAIKIDTENRANRISEAMDEFP
NNRYLAKLLDEVTMLQDTVTNNR
;
_entity_poly.pdbx_strand_id   A
#
# COMPACT_ATOMS: atom_id res chain seq x y z
N ARG A 49 -10.91 34.91 0.19
CA ARG A 49 -10.70 36.14 0.94
C ARG A 49 -9.24 36.26 1.42
N ASN A 50 -8.72 35.19 2.01
CA ASN A 50 -7.31 35.17 2.37
C ASN A 50 -6.42 35.25 1.13
N LEU A 51 -6.82 34.57 0.05
CA LEU A 51 -6.06 34.64 -1.19
C LEU A 51 -6.09 36.05 -1.76
N ARG A 52 -7.28 36.66 -1.86
CA ARG A 52 -7.40 38.02 -2.39
C ARG A 52 -6.50 39.00 -1.64
N LEU A 53 -6.43 38.87 -0.31
CA LEU A 53 -5.49 39.66 0.48
C LEU A 53 -4.06 39.46 -0.01
N LEU A 54 -3.65 38.20 -0.22
CA LEU A 54 -2.28 37.94 -0.66
C LEU A 54 -2.04 38.44 -2.08
N GLU A 55 -3.07 38.41 -2.94
CA GLU A 55 -2.90 38.85 -4.31
C GLU A 55 -2.77 40.37 -4.42
N LYS A 56 -3.40 41.09 -3.50
CA LYS A 56 -3.18 42.54 -3.43
C LYS A 56 -1.77 42.84 -2.91
N GLU A 57 -1.29 42.05 -1.95
CA GLU A 57 0.02 42.30 -1.37
C GLU A 57 1.13 42.07 -2.41
N VAL A 58 0.96 41.05 -3.26
CA VAL A 58 2.00 40.74 -4.25
C VAL A 58 1.98 41.70 -5.43
N LYS A 59 0.87 42.43 -5.62
CA LYS A 59 0.85 43.47 -6.64
C LYS A 59 1.78 44.63 -6.28
N ASN A 60 1.90 44.94 -4.99
CA ASN A 60 2.74 46.04 -4.53
C ASN A 60 4.07 45.58 -3.93
N ASN A 61 4.40 44.29 -4.02
CA ASN A 61 5.69 43.85 -3.49
C ASN A 61 6.50 43.06 -4.52
N LYS A 62 5.86 42.08 -5.15
CA LYS A 62 6.40 41.36 -6.31
C LYS A 62 7.71 40.63 -6.01
N ASN A 63 8.68 41.32 -5.39
CA ASN A 63 10.00 40.76 -5.13
C ASN A 63 10.12 40.07 -3.78
N SER A 64 9.01 39.79 -3.11
CA SER A 64 9.03 39.15 -1.79
C SER A 64 8.79 37.65 -1.95
N GLY A 65 9.82 36.85 -1.72
CA GLY A 65 9.64 35.41 -1.76
C GLY A 65 8.58 34.93 -0.78
N PHE A 66 8.43 35.64 0.34
CA PHE A 66 7.53 35.17 1.38
C PHE A 66 6.07 35.30 0.95
N VAL A 67 5.70 36.41 0.31
CA VAL A 67 4.32 36.55 -0.17
C VAL A 67 3.99 35.45 -1.17
N HIS A 68 4.93 35.16 -2.09
CA HIS A 68 4.69 34.13 -3.08
C HIS A 68 4.54 32.77 -2.43
N PHE A 69 5.36 32.50 -1.42
CA PHE A 69 5.24 31.26 -0.65
C PHE A 69 3.84 31.12 -0.05
N ASN A 70 3.36 32.19 0.59
CA ASN A 70 2.02 32.17 1.16
C ASN A 70 0.94 31.99 0.10
N ILE A 71 1.16 32.50 -1.11
CA ILE A 71 0.22 32.25 -2.18
C ILE A 71 0.28 30.78 -2.60
N GLY A 72 1.48 30.19 -2.59
CA GLY A 72 1.60 28.78 -2.91
C GLY A 72 0.88 27.89 -1.92
N GLN A 73 0.90 28.26 -0.63
CA GLN A 73 0.16 27.50 0.37
C GLN A 73 -1.34 27.58 0.12
N GLU A 74 -1.83 28.77 -0.26
CA GLU A 74 -3.26 28.92 -0.56
C GLU A 74 -3.62 28.12 -1.81
N MET A 75 -2.82 28.22 -2.88
CA MET A 75 -3.04 27.38 -4.04
C MET A 75 -3.02 25.90 -3.64
N ASN A 76 -2.15 25.53 -2.71
CA ASN A 76 -2.15 24.16 -2.20
C ASN A 76 -3.49 23.80 -1.58
N ARG A 77 -4.00 24.67 -0.70
CA ARG A 77 -5.27 24.38 -0.04
C ARG A 77 -6.39 24.17 -1.05
N LEU A 78 -6.45 25.01 -2.09
CA LEU A 78 -7.49 24.94 -3.09
C LEU A 78 -7.24 23.89 -4.16
N GLY A 79 -6.22 23.05 -3.98
CA GLY A 79 -5.94 21.98 -4.93
C GLY A 79 -5.37 22.42 -6.26
N ASN A 80 -5.17 23.72 -6.49
CA ASN A 80 -4.54 24.20 -7.73
C ASN A 80 -3.05 23.86 -7.68
N LYS A 81 -2.75 22.61 -8.04
CA LYS A 81 -1.38 22.10 -7.96
C LYS A 81 -0.47 22.73 -9.01
N LYS A 82 -0.99 23.05 -10.19
CA LYS A 82 -0.17 23.69 -11.20
C LYS A 82 0.32 25.06 -10.73
N GLU A 83 -0.60 25.88 -10.19
CA GLU A 83 -0.23 27.21 -9.75
C GLU A 83 0.53 27.21 -8.44
N ALA A 84 0.34 26.20 -7.60
CA ALA A 84 1.13 26.09 -6.37
C ALA A 84 2.59 25.87 -6.70
N LEU A 85 2.87 24.97 -7.65
CA LEU A 85 4.25 24.73 -8.06
C LEU A 85 4.91 26.00 -8.55
N LYS A 86 4.19 26.79 -9.36
CA LYS A 86 4.75 28.04 -9.87
C LYS A 86 5.03 29.02 -8.74
N GLU A 87 4.14 29.08 -7.74
CA GLU A 87 4.32 30.05 -6.67
C GLU A 87 5.43 29.63 -5.73
N PHE A 88 5.49 28.34 -5.40
CA PHE A 88 6.57 27.86 -4.54
C PHE A 88 7.92 27.97 -5.25
N SER A 89 7.94 27.71 -6.57
CA SER A 89 9.17 27.90 -7.34
C SER A 89 9.62 29.35 -7.29
N GLU A 90 8.68 30.29 -7.31
CA GLU A 90 9.05 31.70 -7.28
C GLU A 90 9.52 32.12 -5.89
N ALA A 91 8.93 31.53 -4.84
CA ALA A 91 9.36 31.86 -3.49
C ALA A 91 10.79 31.39 -3.24
N PHE A 92 11.12 30.17 -3.65
CA PHE A 92 12.48 29.67 -3.56
C PHE A 92 13.45 30.57 -4.32
N ARG A 93 13.05 31.06 -5.50
CA ARG A 93 13.95 31.87 -6.31
C ARG A 93 14.21 33.24 -5.68
N LEU A 94 13.18 33.86 -5.13
CA LEU A 94 13.27 35.21 -4.60
C LEU A 94 13.81 35.27 -3.17
N ARG A 95 14.09 34.12 -2.55
CA ARG A 95 14.64 34.11 -1.21
C ARG A 95 15.91 34.93 -1.17
N ASP A 96 16.08 35.70 -0.09
CA ASP A 96 17.30 36.51 0.04
C ASP A 96 18.43 35.69 0.67
N HIS A 97 18.09 34.82 1.61
CA HIS A 97 19.04 33.98 2.31
C HIS A 97 18.50 32.56 2.31
N ASN A 98 19.36 31.62 2.69
CA ASN A 98 18.97 30.23 2.74
C ASN A 98 18.44 29.80 4.11
N HIS A 99 18.55 30.64 5.13
CA HIS A 99 18.15 30.20 6.46
C HIS A 99 16.64 30.29 6.72
N TYR A 100 15.86 30.94 5.86
CA TYR A 100 14.42 30.99 6.04
C TYR A 100 13.80 29.59 5.98
N ILE A 101 13.03 29.25 7.01
CA ILE A 101 12.32 27.97 7.04
C ILE A 101 11.42 27.83 5.82
N TRP A 102 10.70 28.89 5.45
CA TRP A 102 9.81 28.82 4.30
C TRP A 102 10.58 28.63 3.00
N ALA A 103 11.84 29.06 2.92
CA ALA A 103 12.64 28.71 1.75
C ALA A 103 12.88 27.20 1.67
N LYS A 104 13.13 26.57 2.81
CA LYS A 104 13.22 25.11 2.87
C LYS A 104 11.89 24.46 2.50
N LEU A 105 10.80 24.97 3.06
CA LEU A 105 9.50 24.37 2.76
C LEU A 105 9.13 24.54 1.31
N SER A 106 9.64 25.59 0.66
CA SER A 106 9.36 25.79 -0.76
C SER A 106 9.93 24.66 -1.58
N ALA A 107 11.20 24.30 -1.32
CA ALA A 107 11.80 23.19 -2.04
C ALA A 107 11.08 21.88 -1.73
N TYR A 108 10.71 21.68 -0.47
CA TYR A 108 9.98 20.47 -0.09
C TYR A 108 8.67 20.35 -0.86
N HIS A 109 7.91 21.45 -0.95
CA HIS A 109 6.62 21.40 -1.63
C HIS A 109 6.80 21.22 -3.13
N ILE A 110 7.81 21.90 -3.71
CA ILE A 110 8.14 21.66 -5.11
C ILE A 110 8.43 20.18 -5.35
N ALA A 111 9.29 19.60 -4.52
CA ALA A 111 9.60 18.18 -4.67
C ALA A 111 8.34 17.33 -4.57
N GLU A 112 7.44 17.70 -3.65
CA GLU A 112 6.23 16.90 -3.44
C GLU A 112 5.28 17.04 -4.63
N LEU A 113 5.03 18.27 -5.07
CA LEU A 113 4.16 18.47 -6.22
C LEU A 113 4.72 17.75 -7.45
N LEU A 114 6.03 17.77 -7.63
CA LEU A 114 6.64 17.01 -8.71
C LEU A 114 6.45 15.52 -8.50
N GLU A 115 6.63 15.05 -7.26
CA GLU A 115 6.41 13.64 -6.95
C GLU A 115 4.96 13.23 -7.18
N GLN A 116 4.00 14.06 -6.74
CA GLN A 116 2.60 13.74 -6.99
C GLN A 116 2.30 13.63 -8.48
N GLU A 117 3.03 14.36 -9.31
CA GLU A 117 2.81 14.35 -10.75
C GLU A 117 3.67 13.33 -11.46
N LYS A 118 4.32 12.44 -10.71
CA LYS A 118 5.15 11.36 -11.25
C LYS A 118 6.31 11.87 -12.10
N ARG A 119 6.73 13.12 -11.86
CA ARG A 119 7.92 13.69 -12.49
C ARG A 119 9.13 13.44 -11.57
N TYR A 120 9.49 12.16 -11.47
CA TYR A 120 10.42 11.71 -10.43
C TYR A 120 11.82 12.24 -10.66
N ASP A 121 12.30 12.24 -11.91
CA ASP A 121 13.63 12.76 -12.19
C ASP A 121 13.76 14.20 -11.73
N GLU A 122 12.78 15.04 -12.10
CA GLU A 122 12.79 16.44 -11.70
C GLU A 122 12.64 16.61 -10.20
N SER A 123 11.88 15.72 -9.54
CA SER A 123 11.77 15.79 -8.10
C SER A 123 13.10 15.49 -7.42
N LEU A 124 13.78 14.42 -7.87
CA LEU A 124 15.08 14.08 -7.30
C LEU A 124 16.09 15.20 -7.53
N ALA A 125 16.02 15.89 -8.67
CA ALA A 125 16.92 17.00 -8.92
C ALA A 125 16.67 18.11 -7.89
N ILE A 126 15.41 18.44 -7.62
CA ILE A 126 15.09 19.44 -6.61
C ILE A 126 15.54 18.98 -5.24
N ILE A 127 15.38 17.69 -4.92
CA ILE A 127 15.76 17.14 -3.62
C ILE A 127 17.27 17.26 -3.41
N GLU A 128 18.05 16.82 -4.41
CA GLU A 128 19.50 16.81 -4.26
C GLU A 128 20.06 18.22 -4.14
N GLU A 129 19.54 19.17 -4.91
CA GLU A 129 19.97 20.56 -4.76
C GLU A 129 19.68 21.06 -3.36
N ALA A 130 18.51 20.68 -2.82
CA ALA A 130 18.10 21.10 -1.49
C ALA A 130 18.88 20.41 -0.39
N ARG A 131 19.25 19.14 -0.58
CA ARG A 131 20.11 18.51 0.42
C ARG A 131 21.44 19.22 0.52
N VAL A 132 21.93 19.78 -0.59
CA VAL A 132 23.21 20.47 -0.59
C VAL A 132 23.09 21.81 0.11
N ILE A 133 21.97 22.51 -0.06
CA ILE A 133 21.75 23.76 0.66
C ILE A 133 21.55 23.48 2.15
N TRP A 134 20.71 22.49 2.46
CA TRP A 134 20.26 22.22 3.83
C TRP A 134 20.52 20.77 4.19
N PRO A 135 21.76 20.42 4.55
CA PRO A 135 22.07 19.01 4.81
C PRO A 135 21.48 18.45 6.09
N ASN A 136 20.88 19.28 6.95
CA ASN A 136 20.33 18.80 8.22
C ASN A 136 18.81 18.68 8.20
N VAL A 137 18.19 18.65 7.02
CA VAL A 137 16.73 18.55 6.90
C VAL A 137 16.39 17.14 6.44
N PRO A 138 15.69 16.34 7.25
CA PRO A 138 15.48 14.93 6.89
C PRO A 138 14.37 14.69 5.87
N GLU A 139 13.44 15.63 5.69
CA GLU A 139 12.38 15.41 4.72
C GLU A 139 12.94 15.22 3.30
N PHE A 140 14.07 15.87 2.98
CA PHE A 140 14.63 15.71 1.65
C PHE A 140 15.19 14.30 1.41
N PRO A 141 16.06 13.73 2.26
CA PRO A 141 16.44 12.34 2.03
C PRO A 141 15.30 11.35 2.24
N LEU A 142 14.32 11.69 3.08
CA LEU A 142 13.13 10.86 3.20
C LEU A 142 12.40 10.74 1.87
N LYS A 143 12.17 11.89 1.22
CA LYS A 143 11.40 11.87 -0.03
C LYS A 143 12.15 11.15 -1.14
N LYS A 144 13.49 11.28 -1.15
CA LYS A 144 14.28 10.52 -2.12
C LYS A 144 14.06 9.03 -1.92
N ALA A 145 14.14 8.58 -0.66
CA ALA A 145 13.89 7.18 -0.34
C ALA A 145 12.48 6.75 -0.76
N ASN A 146 11.47 7.60 -0.52
CA ASN A 146 10.10 7.23 -0.92
C ASN A 146 9.99 7.08 -2.43
N ILE A 147 10.56 8.04 -3.19
CA ILE A 147 10.54 7.93 -4.64
C ILE A 147 11.18 6.63 -5.08
N LEU A 148 12.32 6.27 -4.47
CA LEU A 148 13.01 5.04 -4.84
C LEU A 148 12.14 3.82 -4.57
N TYR A 149 11.42 3.84 -3.44
CA TYR A 149 10.53 2.74 -3.09
C TYR A 149 9.42 2.57 -4.13
N VAL A 150 8.74 3.66 -4.48
CA VAL A 150 7.63 3.50 -5.41
C VAL A 150 8.13 3.22 -6.82
N ASN A 151 9.40 3.52 -7.11
CA ASN A 151 10.03 3.10 -8.35
C ASN A 151 10.79 1.79 -8.19
N HIS A 152 10.47 1.00 -7.17
CA HIS A 152 10.81 -0.40 -7.05
C HIS A 152 12.31 -0.64 -6.82
N GLN A 153 13.01 0.34 -6.28
CA GLN A 153 14.45 0.21 -5.99
C GLN A 153 14.59 0.17 -4.46
N LEU A 154 14.39 -1.02 -3.91
CA LEU A 154 14.18 -1.18 -2.48
C LEU A 154 15.47 -1.11 -1.70
N GLU A 155 16.57 -1.64 -2.24
CA GLU A 155 17.82 -1.60 -1.49
C GLU A 155 18.35 -0.18 -1.41
N ASP A 156 18.22 0.58 -2.50
CA ASP A 156 18.61 1.99 -2.43
C ASP A 156 17.71 2.76 -1.47
N ALA A 157 16.41 2.46 -1.45
CA ALA A 157 15.51 3.12 -0.50
C ALA A 157 15.88 2.75 0.93
N LYS A 158 16.00 1.44 1.19
CA LYS A 158 16.43 0.93 2.49
C LYS A 158 17.66 1.65 3.02
N GLU A 159 18.68 1.79 2.17
CA GLU A 159 19.92 2.45 2.56
C GLU A 159 19.66 3.85 3.11
N ILE A 160 18.78 4.60 2.48
CA ILE A 160 18.53 5.96 2.94
C ILE A 160 17.73 5.96 4.23
N TYR A 161 16.69 5.12 4.32
CA TYR A 161 15.89 5.08 5.54
C TYR A 161 16.74 4.74 6.76
N GLN A 162 17.64 3.76 6.63
CA GLN A 162 18.49 3.38 7.74
C GLN A 162 19.38 4.53 8.18
N SER A 163 19.94 5.28 7.22
CA SER A 163 20.83 6.37 7.59
C SER A 163 20.09 7.51 8.27
N LEU A 164 18.79 7.65 8.00
CA LEU A 164 17.98 8.60 8.75
C LEU A 164 17.88 8.22 10.23
N LEU A 165 17.98 6.92 10.54
CA LEU A 165 17.79 6.43 11.89
C LEU A 165 19.08 6.50 12.70
N GLU A 166 18.97 7.00 13.92
CA GLU A 166 20.07 7.04 14.90
C GLU A 166 21.35 7.54 14.24
N ASN A 167 21.27 8.75 13.70
CA ASN A 167 22.37 9.35 12.94
C ASN A 167 23.11 10.30 13.87
N ALA A 168 24.28 9.86 14.35
CA ALA A 168 25.11 10.65 15.25
C ALA A 168 26.00 11.64 14.52
N ALA A 169 25.94 11.68 13.18
CA ALA A 169 26.76 12.57 12.37
C ALA A 169 26.00 13.83 11.95
N ILE A 170 24.78 13.66 11.46
CA ILE A 170 23.92 14.77 11.08
C ILE A 170 22.91 15.01 12.19
N ASP A 171 22.80 16.25 12.66
CA ASP A 171 21.73 16.61 13.59
C ASP A 171 20.48 16.99 12.80
N TYR A 172 19.70 15.98 12.43
CA TYR A 172 18.49 16.23 11.65
C TYR A 172 17.48 17.05 12.45
N GLN A 173 16.88 18.03 11.78
CA GLN A 173 15.87 18.92 12.37
C GLN A 173 14.69 19.03 11.42
N PRO A 174 13.56 18.41 11.73
CA PRO A 174 12.44 18.41 10.77
C PRO A 174 11.94 19.81 10.50
N ILE A 175 11.42 20.00 9.28
CA ILE A 175 10.75 21.26 8.94
C ILE A 175 9.23 21.12 8.88
N VAL A 176 8.71 19.89 8.92
CA VAL A 176 7.29 19.63 9.09
C VAL A 176 7.12 18.57 10.16
N LEU A 177 6.01 18.68 10.90
CA LEU A 177 5.72 17.85 12.06
C LEU A 177 4.46 17.01 11.86
N TYR A 178 4.18 16.62 10.62
CA TYR A 178 3.03 15.77 10.33
C TYR A 178 3.13 14.45 11.10
N GLU A 179 4.31 13.81 11.07
CA GLU A 179 4.58 12.59 11.80
C GLU A 179 5.85 12.74 12.61
N ALA A 180 5.97 11.91 13.65
CA ALA A 180 7.23 11.76 14.36
C ALA A 180 8.34 11.43 13.37
N THR A 181 9.44 12.19 13.45
CA THR A 181 10.49 12.12 12.43
C THR A 181 11.01 10.71 12.21
N ASN A 182 10.79 9.79 13.16
CA ASN A 182 11.30 8.43 13.06
C ASN A 182 10.24 7.38 12.76
N PHE A 183 8.96 7.76 12.71
CA PHE A 183 7.93 6.81 12.33
C PHE A 183 8.11 6.33 10.89
N MET A 184 8.25 7.27 9.96
CA MET A 184 8.22 6.94 8.54
C MET A 184 9.38 6.03 8.12
N PRO A 185 10.63 6.28 8.57
CA PRO A 185 11.71 5.34 8.23
C PRO A 185 11.49 3.94 8.79
N HIS A 186 11.04 3.81 10.03
CA HIS A 186 10.79 2.47 10.58
C HIS A 186 9.66 1.80 9.81
N LYS A 187 8.59 2.53 9.52
CA LYS A 187 7.46 1.92 8.82
C LYS A 187 7.87 1.42 7.45
N MET A 188 8.61 2.24 6.70
CA MET A 188 9.02 1.84 5.36
C MET A 188 10.10 0.78 5.40
N LEU A 189 10.98 0.80 6.40
CA LEU A 189 11.93 -0.30 6.55
C LEU A 189 11.20 -1.60 6.85
N GLY A 190 10.19 -1.55 7.72
CA GLY A 190 9.37 -2.73 7.95
C GLY A 190 8.67 -3.19 6.69
N THR A 191 8.24 -2.24 5.85
CA THR A 191 7.59 -2.58 4.60
C THR A 191 8.56 -3.26 3.64
N ILE A 192 9.80 -2.76 3.58
CA ILE A 192 10.76 -3.33 2.65
C ILE A 192 11.17 -4.73 3.07
N TYR A 193 11.46 -4.91 4.37
CA TYR A 193 11.89 -6.23 4.84
C TYR A 193 10.77 -7.27 4.72
N LEU A 194 9.53 -6.88 5.02
CA LEU A 194 8.41 -7.77 4.78
C LEU A 194 8.39 -8.25 3.32
N GLU A 195 8.44 -7.31 2.37
CA GLU A 195 8.46 -7.69 0.96
C GLU A 195 9.68 -8.53 0.60
N GLU A 196 10.82 -8.28 1.25
CA GLU A 196 11.99 -9.14 1.10
C GLU A 196 11.91 -10.40 1.96
N LYS A 197 10.77 -10.63 2.61
CA LYS A 197 10.51 -11.83 3.39
C LYS A 197 11.54 -12.03 4.51
N ASP A 198 12.06 -10.92 5.05
CA ASP A 198 12.78 -10.95 6.32
C ASP A 198 11.80 -10.54 7.42
N TYR A 199 11.05 -11.52 7.91
CA TYR A 199 9.95 -11.27 8.83
C TYR A 199 10.41 -10.79 10.20
N THR A 200 11.64 -11.12 10.62
CA THR A 200 12.12 -10.65 11.91
C THR A 200 12.44 -9.15 11.87
N ARG A 201 13.27 -8.73 10.91
CA ARG A 201 13.57 -7.31 10.79
C ARG A 201 12.32 -6.51 10.45
N ALA A 202 11.40 -7.09 9.69
CA ALA A 202 10.10 -6.45 9.47
C ALA A 202 9.39 -6.18 10.79
N MET A 203 9.27 -7.20 11.64
CA MET A 203 8.57 -7.02 12.90
C MET A 203 9.30 -6.03 13.80
N THR A 204 10.64 -6.07 13.79
CA THR A 204 11.40 -5.13 14.61
C THR A 204 11.10 -3.69 14.22
N HIS A 205 11.18 -3.39 12.92
CA HIS A 205 10.90 -2.02 12.49
C HIS A 205 9.42 -1.69 12.54
N PHE A 206 8.52 -2.67 12.36
CA PHE A 206 7.10 -2.37 12.53
C PHE A 206 6.80 -2.02 13.98
N SER A 207 7.45 -2.68 14.93
CA SER A 207 7.20 -2.39 16.35
C SER A 207 7.78 -1.06 16.76
N LYS A 208 8.93 -0.69 16.21
CA LYS A 208 9.50 0.63 16.53
C LYS A 208 8.68 1.75 15.89
N ALA A 209 8.19 1.55 14.67
CA ALA A 209 7.25 2.52 14.11
C ALA A 209 6.02 2.68 15.02
N TYR A 210 5.49 1.56 15.53
CA TYR A 210 4.36 1.59 16.45
C TYR A 210 4.68 2.39 17.71
N ALA A 211 5.87 2.19 18.27
CA ALA A 211 6.26 2.95 19.47
C ALA A 211 6.24 4.46 19.21
N GLU A 212 6.58 4.88 17.99
CA GLU A 212 6.56 6.31 17.67
C GLU A 212 5.13 6.82 17.48
N ASN A 213 4.25 5.99 16.90
CA ASN A 213 2.90 6.44 16.55
C ASN A 213 1.95 5.25 16.73
N SER A 214 1.41 5.11 17.94
CA SER A 214 0.62 3.94 18.29
C SER A 214 -0.82 3.99 17.81
N SER A 215 -1.28 5.09 17.23
CA SER A 215 -2.62 5.09 16.66
C SER A 215 -2.61 4.72 15.18
N ASP A 216 -1.45 4.53 14.57
CA ASP A 216 -1.35 4.16 13.16
C ASP A 216 -1.84 2.72 12.99
N TYR A 217 -3.06 2.57 12.47
CA TYR A 217 -3.60 1.26 12.20
C TYR A 217 -2.79 0.52 11.15
N GLY A 218 -2.15 1.26 10.24
CA GLY A 218 -1.40 0.62 9.17
C GLY A 218 -0.33 -0.32 9.67
N VAL A 219 0.51 0.13 10.60
CA VAL A 219 1.56 -0.76 11.08
C VAL A 219 1.00 -1.79 12.05
N MET A 220 -0.08 -1.46 12.78
CA MET A 220 -0.76 -2.49 13.56
C MET A 220 -1.30 -3.58 12.66
N PHE A 221 -1.96 -3.21 11.56
CA PHE A 221 -2.48 -4.21 10.64
C PHE A 221 -1.35 -5.07 10.09
N GLN A 222 -0.20 -4.46 9.82
CA GLN A 222 0.91 -5.19 9.23
C GLN A 222 1.48 -6.23 10.19
N MET A 223 1.61 -5.88 11.47
CA MET A 223 2.15 -6.81 12.45
C MET A 223 1.20 -7.98 12.66
N ILE A 224 -0.10 -7.68 12.75
CA ILE A 224 -1.07 -8.75 12.94
C ILE A 224 -1.07 -9.67 11.73
N MET A 225 -1.05 -9.09 10.53
CA MET A 225 -1.09 -9.92 9.33
C MET A 225 0.18 -10.74 9.18
N LEU A 226 1.32 -10.15 9.53
CA LEU A 226 2.58 -10.90 9.44
C LEU A 226 2.57 -12.02 10.45
N LEU A 227 2.18 -11.72 11.69
CA LEU A 227 2.22 -12.73 12.73
C LEU A 227 1.21 -13.85 12.46
N SER A 228 0.07 -13.53 11.83
CA SER A 228 -0.90 -14.57 11.50
C SER A 228 -0.33 -15.66 10.61
N LYS A 229 0.72 -15.35 9.85
CA LYS A 229 1.33 -16.36 9.00
C LYS A 229 2.06 -17.43 9.80
N PHE A 230 2.50 -17.12 11.02
CA PHE A 230 3.44 -18.00 11.69
C PHE A 230 3.03 -18.42 13.10
N HIS A 231 2.07 -17.75 13.72
CA HIS A 231 1.82 -17.90 15.14
C HIS A 231 0.37 -18.28 15.43
N GLN A 232 0.18 -18.85 16.60
CA GLN A 232 -1.17 -19.14 17.08
C GLN A 232 -1.90 -17.85 17.40
N PRO A 233 -3.22 -17.79 17.15
CA PRO A 233 -3.97 -16.57 17.47
C PRO A 233 -3.78 -16.09 18.91
N LYS A 234 -3.72 -17.01 19.88
CA LYS A 234 -3.51 -16.58 21.26
C LYS A 234 -2.15 -15.95 21.47
N GLU A 235 -1.12 -16.48 20.82
CA GLU A 235 0.19 -15.82 20.90
C GLU A 235 0.12 -14.43 20.27
N ILE A 236 -0.62 -14.28 19.18
CA ILE A 236 -0.76 -12.98 18.53
C ILE A 236 -1.54 -12.02 19.41
N PHE A 237 -2.57 -12.51 20.10
CA PHE A 237 -3.32 -11.65 21.02
C PHE A 237 -2.46 -11.24 22.21
N ALA A 238 -1.64 -12.16 22.76
CA ALA A 238 -0.75 -11.78 23.85
C ALA A 238 0.20 -10.65 23.43
N PHE A 239 0.77 -10.75 22.22
CA PHE A 239 1.61 -9.67 21.72
C PHE A 239 0.82 -8.36 21.65
N MET A 240 -0.39 -8.43 21.07
CA MET A 240 -1.24 -7.24 20.98
C MET A 240 -1.52 -6.65 22.35
N GLU A 241 -1.81 -7.50 23.33
CA GLU A 241 -2.13 -7.02 24.66
C GLU A 241 -0.93 -6.33 25.32
N ARG A 242 0.23 -6.95 25.30
CA ARG A 242 1.35 -6.35 26.03
C ARG A 242 1.90 -5.12 25.32
N HIS A 243 1.62 -4.94 24.04
CA HIS A 243 1.94 -3.68 23.38
C HIS A 243 0.74 -2.73 23.32
N HIS A 244 -0.40 -3.10 23.91
CA HIS A 244 -1.55 -2.21 24.07
C HIS A 244 -2.12 -1.75 22.73
N PHE A 245 -2.27 -2.67 21.78
CA PHE A 245 -2.93 -2.35 20.52
C PHE A 245 -4.35 -1.83 20.77
N ILE A 246 -5.13 -2.55 21.57
CA ILE A 246 -6.52 -2.18 21.85
C ILE A 246 -6.56 -1.12 22.94
N SER A 247 -6.42 0.15 22.54
CA SER A 247 -6.45 1.25 23.49
C SER A 247 -7.86 1.67 23.86
N SER A 248 -8.88 1.11 23.22
CA SER A 248 -10.26 1.47 23.50
C SER A 248 -11.17 0.52 22.72
N THR A 249 -12.45 0.53 23.09
CA THR A 249 -13.44 -0.21 22.32
C THR A 249 -13.42 0.21 20.86
N GLU A 250 -13.36 1.51 20.61
CA GLU A 250 -13.35 2.02 19.24
C GLU A 250 -12.18 1.44 18.46
N THR A 251 -10.98 1.49 19.03
CA THR A 251 -9.79 0.95 18.38
C THR A 251 -9.95 -0.54 18.12
N GLY A 252 -10.50 -1.27 19.10
CA GLY A 252 -10.76 -2.69 18.90
C GLY A 252 -11.66 -2.94 17.70
N LEU A 253 -12.68 -2.10 17.54
CA LEU A 253 -13.60 -2.27 16.41
C LEU A 253 -12.90 -2.01 15.08
N ARG A 254 -12.02 -1.01 15.02
CA ARG A 254 -11.25 -0.80 13.80
C ARG A 254 -10.30 -1.96 13.53
N LEU A 255 -9.71 -2.54 14.58
CA LEU A 255 -8.89 -3.74 14.39
C LEU A 255 -9.75 -4.90 13.90
N LEU A 256 -10.90 -5.10 14.53
CA LEU A 256 -11.84 -6.15 14.14
C LEU A 256 -12.21 -6.05 12.68
N SER A 257 -12.31 -4.82 12.17
CA SER A 257 -12.62 -4.64 10.76
C SER A 257 -11.56 -5.28 9.87
N MET A 258 -10.30 -5.22 10.27
CA MET A 258 -9.27 -5.88 9.47
C MET A 258 -9.25 -7.39 9.72
N THR A 259 -9.31 -7.81 10.98
CA THR A 259 -9.11 -9.23 11.26
C THR A 259 -10.23 -10.08 10.67
N THR A 260 -11.48 -9.60 10.72
CA THR A 260 -12.56 -10.39 10.12
C THR A 260 -12.40 -10.48 8.61
N GLN A 261 -12.03 -9.38 7.96
CA GLN A 261 -11.85 -9.36 6.51
C GLN A 261 -10.73 -10.30 6.04
N GLN A 262 -9.71 -10.53 6.86
CA GLN A 262 -8.65 -11.45 6.52
C GLN A 262 -8.97 -12.88 6.93
N GLY A 263 -10.11 -13.10 7.57
CA GLY A 263 -10.47 -14.45 7.96
C GLY A 263 -9.80 -14.95 9.21
N TYR A 264 -9.30 -14.05 10.07
CA TYR A 264 -8.69 -14.43 11.34
C TYR A 264 -9.81 -14.61 12.38
N ALA A 265 -10.41 -15.79 12.35
CA ALA A 265 -11.61 -16.06 13.14
C ALA A 265 -11.30 -16.08 14.63
N GLU A 266 -10.39 -16.97 15.05
CA GLU A 266 -10.08 -17.08 16.47
C GLU A 266 -9.50 -15.78 17.02
N LEU A 267 -8.60 -15.14 16.28
CA LEU A 267 -8.06 -13.87 16.76
C LEU A 267 -9.15 -12.81 16.88
N SER A 268 -10.04 -12.72 15.88
CA SER A 268 -11.16 -11.78 16.00
C SER A 268 -11.96 -12.06 17.27
N GLU A 269 -12.12 -13.34 17.60
CA GLU A 269 -12.88 -13.73 18.77
C GLU A 269 -12.22 -13.25 20.06
N LEU A 270 -10.91 -13.49 20.19
CA LEU A 270 -10.19 -13.02 21.37
C LEU A 270 -10.24 -11.50 21.48
N ILE A 271 -10.15 -10.80 20.34
CA ILE A 271 -10.25 -9.34 20.37
C ILE A 271 -11.62 -8.91 20.89
N VAL A 272 -12.69 -9.42 20.27
CA VAL A 272 -14.01 -8.87 20.59
C VAL A 272 -14.40 -9.20 22.03
N GLN A 273 -13.97 -10.35 22.54
CA GLN A 273 -14.29 -10.71 23.92
C GLN A 273 -13.54 -9.83 24.92
N SER A 274 -12.36 -9.35 24.56
CA SER A 274 -11.63 -8.45 25.47
C SER A 274 -12.30 -7.09 25.59
N LEU A 275 -13.19 -6.74 24.66
CA LEU A 275 -13.82 -5.42 24.70
C LEU A 275 -14.92 -5.40 25.75
N THR A 276 -15.13 -4.24 26.33
CA THR A 276 -16.15 -4.03 27.35
C THR A 276 -17.25 -3.12 26.83
N ASP A 277 -18.49 -3.49 27.14
CA ASP A 277 -19.66 -2.62 26.92
C ASP A 277 -19.84 -2.27 25.45
N VAL A 278 -19.54 -3.21 24.57
CA VAL A 278 -19.83 -3.05 23.16
C VAL A 278 -21.35 -2.98 22.98
N TYR A 279 -21.81 -1.93 22.32
CA TYR A 279 -23.22 -1.76 22.03
C TYR A 279 -23.76 -3.06 21.41
N PRO A 280 -24.75 -3.69 22.03
CA PRO A 280 -25.11 -5.08 21.66
C PRO A 280 -25.21 -5.28 20.16
N PRO A 281 -25.94 -4.43 19.41
CA PRO A 281 -26.06 -4.71 17.97
C PRO A 281 -24.73 -4.73 17.24
N VAL A 282 -23.74 -4.00 17.74
CA VAL A 282 -22.41 -4.08 17.15
C VAL A 282 -21.72 -5.38 17.54
N ALA A 283 -21.94 -5.84 18.77
CA ALA A 283 -21.41 -7.14 19.16
C ALA A 283 -21.98 -8.26 18.30
N GLU A 284 -23.30 -8.22 18.05
CA GLU A 284 -23.93 -9.25 17.23
C GLU A 284 -23.33 -9.30 15.84
N ALA A 285 -23.15 -8.13 15.21
CA ALA A 285 -22.56 -8.09 13.88
C ALA A 285 -21.16 -8.72 13.89
N THR A 286 -20.35 -8.37 14.88
CA THR A 286 -19.02 -8.96 15.01
C THR A 286 -19.11 -10.47 15.19
N GLU A 287 -19.98 -10.93 16.08
CA GLU A 287 -20.11 -12.36 16.30
C GLU A 287 -20.49 -13.07 15.00
N VAL A 288 -21.39 -12.48 14.22
CA VAL A 288 -21.87 -13.14 13.01
C VAL A 288 -20.77 -13.21 11.96
N LYS A 289 -19.96 -12.15 11.83
CA LYS A 289 -18.84 -12.20 10.90
C LYS A 289 -17.87 -13.30 11.28
N ILE A 290 -17.57 -13.44 12.56
CA ILE A 290 -16.69 -14.51 13.03
C ILE A 290 -17.32 -15.86 12.77
N ALA A 291 -18.61 -16.00 13.10
CA ALA A 291 -19.26 -17.27 12.86
C ALA A 291 -19.27 -17.61 11.38
N THR A 292 -19.30 -16.59 10.52
CA THR A 292 -19.35 -16.81 9.07
C THR A 292 -18.02 -17.36 8.56
N ILE A 293 -16.91 -16.87 9.10
CA ILE A 293 -15.61 -17.44 8.77
C ILE A 293 -15.58 -18.93 9.09
N ARG A 294 -16.23 -19.30 10.21
CA ARG A 294 -16.28 -20.69 10.64
C ARG A 294 -17.39 -21.48 9.96
N ASN A 295 -18.06 -20.89 8.97
CA ASN A 295 -19.11 -21.52 8.18
C ASN A 295 -20.36 -21.82 8.98
N VAL A 296 -20.58 -21.10 10.07
CA VAL A 296 -21.87 -21.17 10.74
C VAL A 296 -22.90 -20.47 9.87
N PHE A 297 -24.08 -21.05 9.76
CA PHE A 297 -25.15 -20.42 9.01
C PHE A 297 -25.42 -19.04 9.60
N PRO A 298 -25.37 -17.98 8.80
CA PRO A 298 -25.42 -16.62 9.36
C PRO A 298 -26.86 -16.19 9.66
N VAL A 299 -27.10 -15.84 10.92
CA VAL A 299 -28.37 -15.28 11.35
C VAL A 299 -28.07 -13.97 12.07
N ILE A 300 -28.69 -12.88 11.61
CA ILE A 300 -28.35 -11.56 12.10
C ILE A 300 -29.54 -10.65 11.89
N SER A 301 -29.88 -9.89 12.94
CA SER A 301 -31.00 -8.97 12.86
C SER A 301 -30.68 -7.79 11.95
N GLU A 302 -31.74 -7.16 11.43
CA GLU A 302 -31.55 -5.99 10.57
C GLU A 302 -30.86 -4.86 11.33
N SER A 303 -31.13 -4.75 12.64
CA SER A 303 -30.46 -3.75 13.46
C SER A 303 -28.96 -4.00 13.53
N ALA A 304 -28.56 -5.26 13.73
CA ALA A 304 -27.14 -5.56 13.79
C ALA A 304 -26.45 -5.34 12.44
N ILE A 305 -27.16 -5.58 11.32
CA ILE A 305 -26.56 -5.30 10.02
C ILE A 305 -26.32 -3.81 9.86
N LEU A 306 -27.29 -2.99 10.27
CA LEU A 306 -27.21 -1.55 10.03
C LEU A 306 -26.14 -0.90 10.91
N PHE A 307 -26.05 -1.30 12.17
CA PHE A 307 -24.96 -0.80 13.00
C PHE A 307 -23.62 -1.39 12.59
N GLY A 308 -23.63 -2.60 12.04
CA GLY A 308 -22.40 -3.16 11.50
C GLY A 308 -21.88 -2.38 10.32
N ILE A 309 -22.79 -1.83 9.51
CA ILE A 309 -22.40 -0.95 8.42
C ILE A 309 -21.87 0.36 8.99
N LYS A 310 -22.58 0.92 9.98
CA LYS A 310 -22.20 2.20 10.57
C LYS A 310 -20.82 2.15 11.23
N GLU A 311 -20.46 1.01 11.80
CA GLU A 311 -19.11 0.86 12.36
C GLU A 311 -18.11 0.36 11.34
N GLU A 312 -18.53 0.25 10.07
CA GLU A 312 -17.66 -0.17 8.98
C GLU A 312 -17.09 -1.56 9.21
N LEU A 313 -17.85 -2.39 9.92
CA LEU A 313 -17.56 -3.82 10.02
C LEU A 313 -18.17 -4.62 8.89
N ILE A 314 -19.14 -4.05 8.17
CA ILE A 314 -19.89 -4.76 7.15
C ILE A 314 -19.87 -3.91 5.89
N ASP A 315 -19.40 -4.49 4.78
CA ASP A 315 -19.45 -3.83 3.48
C ASP A 315 -20.30 -4.66 2.52
N ALA A 316 -20.37 -4.21 1.28
CA ALA A 316 -21.21 -4.86 0.28
C ALA A 316 -20.75 -6.29 0.00
N ALA A 317 -19.47 -6.59 0.23
CA ALA A 317 -18.99 -7.95 0.06
C ALA A 317 -19.60 -8.88 1.10
N ASP A 318 -19.67 -8.41 2.35
CA ASP A 318 -20.31 -9.21 3.40
C ASP A 318 -21.78 -9.46 3.07
N LEU A 319 -22.49 -8.40 2.69
CA LEU A 319 -23.92 -8.54 2.44
C LEU A 319 -24.18 -9.55 1.33
N CYS A 320 -23.37 -9.53 0.27
CA CYS A 320 -23.53 -10.49 -0.82
C CYS A 320 -23.26 -11.91 -0.36
N LEU A 321 -22.19 -12.11 0.42
CA LEU A 321 -21.93 -13.43 0.98
C LEU A 321 -23.09 -13.89 1.83
N TRP A 322 -23.61 -13.01 2.69
CA TRP A 322 -24.69 -13.42 3.58
C TRP A 322 -25.98 -13.70 2.80
N HIS A 323 -26.29 -12.88 1.78
CA HIS A 323 -27.46 -13.15 0.96
C HIS A 323 -27.32 -14.49 0.25
N TYR A 324 -26.12 -14.80 -0.22
CA TYR A 324 -25.89 -16.07 -0.90
C TYR A 324 -26.13 -17.24 0.06
N GLU A 325 -25.65 -17.12 1.31
CA GLU A 325 -25.79 -18.21 2.28
C GLU A 325 -27.19 -18.25 2.91
N ASN A 326 -27.80 -17.08 3.15
CA ASN A 326 -29.10 -17.01 3.83
C ASN A 326 -30.02 -16.04 3.09
N PRO A 327 -30.78 -16.55 2.12
CA PRO A 327 -31.70 -15.67 1.36
C PRO A 327 -32.80 -15.03 2.18
N GLN A 328 -33.00 -15.43 3.45
CA GLN A 328 -34.07 -14.84 4.26
C GLN A 328 -33.69 -13.49 4.85
N LEU A 329 -32.41 -13.24 5.05
CA LEU A 329 -31.97 -11.95 5.56
C LEU A 329 -32.49 -10.83 4.66
N PRO A 330 -32.83 -9.66 5.22
CA PRO A 330 -33.38 -8.55 4.43
C PRO A 330 -32.31 -7.76 3.68
N ILE A 331 -31.38 -8.47 3.04
CA ILE A 331 -30.18 -7.83 2.50
C ILE A 331 -30.51 -7.07 1.22
N GLU A 332 -31.41 -7.59 0.38
CA GLU A 332 -31.80 -6.86 -0.82
C GLU A 332 -32.32 -5.48 -0.47
N ASN A 333 -33.20 -5.39 0.52
CA ASN A 333 -33.66 -4.09 1.00
C ASN A 333 -32.50 -3.26 1.54
N VAL A 334 -31.59 -3.87 2.29
CA VAL A 334 -30.48 -3.11 2.87
C VAL A 334 -29.59 -2.53 1.78
N MET A 335 -29.23 -3.34 0.79
CA MET A 335 -28.30 -2.88 -0.23
C MET A 335 -28.90 -1.78 -1.10
N LYS A 336 -30.16 -1.92 -1.49
CA LYS A 336 -30.78 -0.92 -2.35
C LYS A 336 -30.99 0.41 -1.63
N ASN A 337 -30.99 0.42 -0.29
CA ASN A 337 -30.99 1.65 0.47
C ASN A 337 -29.59 2.21 0.73
N SER A 338 -28.55 1.59 0.17
CA SER A 338 -27.17 2.06 0.34
C SER A 338 -26.46 2.25 -1.00
N ASP A 339 -27.20 2.43 -2.10
CA ASP A 339 -26.64 2.66 -3.43
C ASP A 339 -25.72 1.52 -3.89
N VAL A 340 -25.98 0.28 -3.46
CA VAL A 340 -25.25 -0.87 -3.98
C VAL A 340 -26.25 -1.94 -4.45
N GLY A 341 -27.49 -1.52 -4.70
CA GLY A 341 -28.47 -2.42 -5.27
C GLY A 341 -28.12 -2.90 -6.66
N ASP A 342 -27.27 -2.17 -7.37
CA ASP A 342 -26.74 -2.65 -8.64
C ASP A 342 -25.84 -3.86 -8.44
N ILE A 343 -25.00 -3.83 -7.41
CA ILE A 343 -24.19 -4.99 -7.04
C ILE A 343 -25.07 -6.20 -6.82
N TYR A 344 -26.11 -6.04 -6.00
CA TYR A 344 -27.06 -7.11 -5.76
C TYR A 344 -27.64 -7.66 -7.07
N ASP A 345 -28.10 -6.75 -7.94
CA ASP A 345 -28.78 -7.16 -9.15
C ASP A 345 -27.85 -7.88 -10.12
N PHE A 346 -26.58 -7.47 -10.18
CA PHE A 346 -25.64 -8.15 -11.06
C PHE A 346 -25.33 -9.55 -10.55
N ILE A 347 -25.04 -9.67 -9.25
CA ILE A 347 -24.58 -10.93 -8.70
C ILE A 347 -25.72 -11.95 -8.62
N PHE A 348 -26.95 -11.50 -8.39
CA PHE A 348 -28.04 -12.44 -8.08
C PHE A 348 -29.26 -12.38 -9.01
N GLU A 349 -29.39 -11.37 -9.87
CA GLU A 349 -30.63 -11.22 -10.64
C GLU A 349 -30.36 -10.94 -12.12
N ASN A 350 -29.21 -11.38 -12.63
CA ASN A 350 -28.84 -11.20 -14.04
C ASN A 350 -28.84 -9.73 -14.45
N GLY A 351 -28.58 -8.83 -13.49
CA GLY A 351 -28.62 -7.43 -13.77
C GLY A 351 -27.41 -6.95 -14.54
N PRO A 352 -27.39 -5.65 -14.86
CA PRO A 352 -26.29 -5.09 -15.65
C PRO A 352 -24.95 -5.18 -14.94
N ARG A 353 -23.91 -5.32 -15.75
CA ARG A 353 -22.55 -5.54 -15.27
C ARG A 353 -22.03 -4.36 -14.44
N ILE A 354 -21.50 -4.65 -13.25
CA ILE A 354 -20.91 -3.62 -12.41
C ILE A 354 -19.44 -3.47 -12.79
N SER A 355 -18.80 -2.40 -12.30
CA SER A 355 -17.39 -2.19 -12.60
C SER A 355 -16.57 -3.39 -12.16
N LYS A 356 -15.51 -3.69 -12.90
CA LYS A 356 -14.71 -4.85 -12.58
C LYS A 356 -14.04 -4.73 -11.21
N LYS A 357 -13.69 -3.51 -10.79
CA LYS A 357 -13.11 -3.34 -9.46
C LYS A 357 -14.09 -3.77 -8.37
N ARG A 358 -15.37 -3.43 -8.52
CA ARG A 358 -16.35 -3.81 -7.50
C ARG A 358 -16.64 -5.31 -7.53
N TYR A 359 -16.75 -5.89 -8.72
CA TYR A 359 -16.89 -7.34 -8.80
C TYR A 359 -15.67 -8.04 -8.21
N LEU A 360 -14.47 -7.56 -8.53
CA LEU A 360 -13.28 -8.19 -7.97
C LEU A 360 -13.23 -8.02 -6.45
N PHE A 361 -13.84 -6.95 -5.92
CA PHE A 361 -13.84 -6.78 -4.47
C PHE A 361 -14.72 -7.82 -3.78
N VAL A 362 -15.86 -8.16 -4.39
CA VAL A 362 -16.67 -9.23 -3.82
C VAL A 362 -15.94 -10.57 -3.96
N LEU A 363 -15.31 -10.79 -5.11
CA LEU A 363 -14.55 -12.02 -5.30
C LEU A 363 -13.40 -12.11 -4.31
N GLU A 364 -12.71 -10.99 -4.05
CA GLU A 364 -11.59 -11.03 -3.14
C GLU A 364 -12.01 -11.47 -1.74
N ARG A 365 -13.13 -10.93 -1.26
CA ARG A 365 -13.59 -11.29 0.08
C ARG A 365 -13.89 -12.78 0.18
N ALA A 366 -14.49 -13.36 -0.87
CA ALA A 366 -14.81 -14.77 -0.84
C ALA A 366 -13.56 -15.62 -0.82
N ILE A 367 -12.54 -15.20 -1.59
CA ILE A 367 -11.28 -15.91 -1.59
C ILE A 367 -10.61 -15.80 -0.22
N ALA A 368 -10.59 -14.58 0.35
CA ALA A 368 -9.90 -14.33 1.61
C ALA A 368 -10.52 -15.08 2.78
N LEU A 369 -11.83 -15.29 2.75
CA LEU A 369 -12.51 -16.02 3.82
C LEU A 369 -12.51 -17.52 3.58
N GLY A 370 -12.02 -17.99 2.44
CA GLY A 370 -12.08 -19.40 2.13
C GLY A 370 -13.43 -19.86 1.62
N LYS A 371 -14.29 -18.95 1.17
CA LYS A 371 -15.66 -19.27 0.77
C LYS A 371 -15.64 -19.72 -0.68
N GLY A 372 -15.19 -20.97 -0.86
CA GLY A 372 -14.91 -21.46 -2.19
C GLY A 372 -16.15 -21.76 -3.01
N GLU A 373 -17.25 -22.08 -2.35
CA GLU A 373 -18.51 -22.28 -3.08
C GLU A 373 -19.03 -20.96 -3.63
N PHE A 374 -19.01 -19.91 -2.81
CA PHE A 374 -19.40 -18.59 -3.28
C PHE A 374 -18.43 -18.06 -4.32
N ALA A 375 -17.12 -18.33 -4.14
CA ALA A 375 -16.13 -17.93 -5.13
C ALA A 375 -16.43 -18.52 -6.49
N ASP A 376 -16.71 -19.84 -6.54
CA ASP A 376 -17.06 -20.47 -7.81
C ASP A 376 -18.32 -19.84 -8.40
N TYR A 377 -19.30 -19.55 -7.55
CA TYR A 377 -20.47 -18.80 -7.99
C TYR A 377 -20.06 -17.48 -8.65
N LEU A 378 -19.16 -16.76 -8.01
CA LEU A 378 -18.74 -15.45 -8.54
C LEU A 378 -17.92 -15.60 -9.81
N LEU A 379 -17.10 -16.64 -9.91
CA LEU A 379 -16.25 -16.83 -11.08
C LEU A 379 -17.06 -17.12 -12.34
N ALA A 380 -18.22 -17.76 -12.22
CA ALA A 380 -19.04 -17.99 -13.41
C ALA A 380 -19.48 -16.68 -14.05
N LEU A 381 -19.54 -15.60 -13.26
CA LEU A 381 -19.92 -14.29 -13.75
C LEU A 381 -18.82 -13.58 -14.54
N ARG A 382 -17.58 -14.07 -14.53
CA ARG A 382 -16.49 -13.35 -15.20
C ARG A 382 -16.65 -13.30 -16.71
N ASN A 383 -17.47 -14.18 -17.29
CA ASN A 383 -17.55 -14.26 -18.73
C ASN A 383 -18.27 -13.07 -19.36
N VAL A 384 -18.90 -12.21 -18.55
CA VAL A 384 -19.50 -10.98 -19.08
C VAL A 384 -18.50 -9.84 -19.16
N TYR A 385 -17.32 -10.00 -18.58
CA TYR A 385 -16.24 -9.02 -18.71
C TYR A 385 -15.31 -9.39 -19.87
N HIS A 386 -14.48 -8.43 -20.28
CA HIS A 386 -13.43 -8.69 -21.25
C HIS A 386 -12.47 -9.74 -20.69
N ASP A 387 -11.85 -10.51 -21.60
CA ASP A 387 -10.91 -11.58 -21.25
C ASP A 387 -9.84 -11.12 -20.26
N SER A 388 -9.48 -9.84 -20.29
CA SER A 388 -8.43 -9.33 -19.42
C SER A 388 -8.77 -9.47 -17.95
N ILE A 389 -10.04 -9.70 -17.62
CA ILE A 389 -10.45 -9.85 -16.23
C ILE A 389 -9.69 -11.00 -15.57
N ASN A 390 -9.36 -12.05 -16.33
CA ASN A 390 -8.72 -13.22 -15.74
C ASN A 390 -7.30 -12.93 -15.28
N SER A 391 -6.67 -11.88 -15.81
CA SER A 391 -5.38 -11.47 -15.29
C SER A 391 -5.50 -11.01 -13.83
N HIS A 392 -6.54 -10.23 -13.53
CA HIS A 392 -6.74 -9.77 -12.15
C HIS A 392 -7.19 -10.90 -11.24
N ILE A 393 -8.01 -11.83 -11.76
CA ILE A 393 -8.41 -12.99 -10.98
C ILE A 393 -7.18 -13.81 -10.62
N ALA A 394 -6.32 -14.07 -11.61
CA ALA A 394 -5.05 -14.74 -11.33
C ALA A 394 -4.28 -14.02 -10.23
N ASP A 395 -4.15 -12.70 -10.33
CA ASP A 395 -3.46 -11.93 -9.30
C ASP A 395 -4.08 -12.14 -7.92
N LEU A 396 -5.41 -12.18 -7.85
CA LEU A 396 -6.08 -12.35 -6.57
C LEU A 396 -5.75 -13.69 -5.94
N PHE A 397 -5.91 -14.77 -6.69
CA PHE A 397 -5.61 -16.09 -6.14
C PHE A 397 -4.15 -16.18 -5.68
N PHE A 398 -3.22 -15.58 -6.44
CA PHE A 398 -1.82 -15.68 -6.07
C PHE A 398 -1.54 -14.91 -4.80
N GLN A 399 -2.21 -13.77 -4.61
CA GLN A 399 -2.04 -12.97 -3.40
C GLN A 399 -2.44 -13.77 -2.17
N TYR A 400 -3.50 -14.56 -2.27
CA TYR A 400 -4.01 -15.33 -1.14
C TYR A 400 -3.53 -16.77 -1.14
N ASP A 401 -2.32 -17.00 -1.69
CA ASP A 401 -1.64 -18.29 -1.59
C ASP A 401 -2.42 -19.39 -2.31
N PHE A 402 -2.93 -19.08 -3.50
CA PHE A 402 -3.49 -20.08 -4.38
C PHE A 402 -2.74 -20.07 -5.71
N ALA A 403 -1.43 -20.32 -5.64
CA ALA A 403 -0.61 -20.25 -6.83
C ALA A 403 -1.06 -21.23 -7.90
N ASP A 404 -1.54 -22.42 -7.49
CA ASP A 404 -1.97 -23.42 -8.46
C ASP A 404 -3.22 -22.96 -9.22
N ILE A 405 -4.21 -22.45 -8.50
CA ILE A 405 -5.38 -21.89 -9.19
C ILE A 405 -4.98 -20.71 -10.05
N ALA A 406 -4.08 -19.86 -9.54
CA ALA A 406 -3.74 -18.64 -10.26
C ALA A 406 -3.14 -18.95 -11.62
N LEU A 407 -2.26 -19.95 -11.69
CA LEU A 407 -1.67 -20.34 -12.97
C LEU A 407 -2.74 -20.74 -13.97
N ASP A 408 -3.79 -21.44 -13.50
CA ASP A 408 -4.90 -21.80 -14.39
C ASP A 408 -5.46 -20.56 -15.08
N PHE A 409 -5.49 -19.44 -14.37
CA PHE A 409 -6.00 -18.21 -14.95
C PHE A 409 -4.93 -17.49 -15.77
N TYR A 410 -3.69 -17.46 -15.28
CA TYR A 410 -2.61 -16.85 -16.07
C TYR A 410 -2.49 -17.49 -17.45
N ASN A 411 -2.75 -18.79 -17.57
CA ASN A 411 -2.72 -19.44 -18.87
C ASN A 411 -3.87 -19.00 -19.77
N ILE A 412 -4.93 -18.41 -19.20
CA ILE A 412 -6.03 -17.90 -20.00
C ILE A 412 -5.66 -16.60 -20.69
N VAL A 413 -4.72 -15.86 -20.13
CA VAL A 413 -4.50 -14.47 -20.48
C VAL A 413 -3.46 -14.36 -21.58
N ASP A 414 -3.74 -13.52 -22.57
CA ASP A 414 -2.71 -13.11 -23.51
C ASP A 414 -1.60 -12.36 -22.78
N ALA A 415 -0.35 -12.64 -23.14
CA ALA A 415 0.78 -12.08 -22.40
C ALA A 415 0.76 -10.56 -22.37
N ASP A 416 0.07 -9.92 -23.31
CA ASP A 416 -0.05 -8.47 -23.30
C ASP A 416 -0.97 -7.98 -22.19
N GLU A 417 -1.87 -8.81 -21.70
CA GLU A 417 -2.84 -8.41 -20.70
C GLU A 417 -2.44 -8.81 -19.27
N VAL A 418 -1.24 -9.37 -19.09
CA VAL A 418 -0.76 -9.73 -17.76
C VAL A 418 -0.20 -8.50 -17.07
N THR A 419 -0.54 -8.32 -15.80
CA THR A 419 -0.05 -7.18 -15.03
C THR A 419 1.41 -7.38 -14.64
N LYS A 420 2.06 -6.29 -14.21
CA LYS A 420 3.43 -6.41 -13.73
C LYS A 420 3.49 -7.34 -12.53
N GLN A 421 2.55 -7.19 -11.60
CA GLN A 421 2.46 -8.12 -10.48
C GLN A 421 2.38 -9.56 -10.98
N GLY A 422 1.59 -9.79 -12.03
CA GLY A 422 1.49 -11.13 -12.60
C GLY A 422 2.83 -11.69 -13.02
N TYR A 423 3.62 -10.89 -13.76
CA TYR A 423 4.98 -11.28 -14.10
C TYR A 423 5.77 -11.64 -12.86
N ILE A 424 5.69 -10.79 -11.83
CA ILE A 424 6.43 -11.01 -10.59
C ILE A 424 6.01 -12.32 -9.94
N ASN A 425 4.70 -12.60 -9.94
CA ASN A 425 4.23 -13.87 -9.38
C ASN A 425 4.77 -15.04 -10.17
N LEU A 426 4.68 -14.98 -11.50
CA LEU A 426 5.11 -16.08 -12.34
C LEU A 426 6.61 -16.32 -12.20
N ILE A 427 7.40 -15.26 -12.08
CA ILE A 427 8.83 -15.43 -11.84
C ILE A 427 9.07 -16.11 -10.50
N ASN A 428 8.37 -15.65 -9.46
CA ASN A 428 8.54 -16.25 -8.13
C ASN A 428 8.11 -17.70 -8.11
N TYR A 429 6.98 -18.00 -8.75
CA TYR A 429 6.51 -19.39 -8.78
C TYR A 429 7.51 -20.29 -9.49
N LEU A 430 8.05 -19.82 -10.62
CA LEU A 430 8.98 -20.65 -11.39
C LEU A 430 10.32 -20.78 -10.69
N VAL A 431 10.73 -19.77 -9.92
CA VAL A 431 11.98 -19.90 -9.18
C VAL A 431 11.80 -20.86 -8.01
N ASP A 432 10.67 -20.77 -7.30
CA ASP A 432 10.34 -21.77 -6.30
C ASP A 432 10.20 -23.15 -6.94
N ALA A 433 9.75 -23.20 -8.20
CA ALA A 433 9.60 -24.44 -8.95
C ALA A 433 10.90 -24.96 -9.54
N ASP A 434 12.01 -24.23 -9.35
CA ASP A 434 13.31 -24.61 -9.90
C ASP A 434 13.24 -24.83 -11.40
N VAL A 435 12.43 -24.00 -12.07
CA VAL A 435 12.43 -23.94 -13.53
C VAL A 435 12.98 -22.57 -13.90
N LEU A 436 14.28 -22.37 -13.64
CA LEU A 436 14.93 -21.09 -13.83
C LEU A 436 15.07 -20.72 -15.31
N ASP A 437 15.04 -21.71 -16.19
CA ASP A 437 14.96 -21.42 -17.61
C ASP A 437 13.73 -20.59 -17.93
N GLU A 438 12.55 -21.11 -17.58
CA GLU A 438 11.31 -20.40 -17.82
C GLU A 438 11.21 -19.13 -16.98
N ALA A 439 11.73 -19.18 -15.75
CA ALA A 439 11.70 -18.00 -14.89
C ALA A 439 12.39 -16.82 -15.56
N LEU A 440 13.64 -17.02 -15.99
CA LEU A 440 14.37 -15.97 -16.70
C LEU A 440 13.65 -15.55 -17.97
N ALA A 441 12.93 -16.49 -18.60
CA ALA A 441 12.18 -16.15 -19.81
C ALA A 441 11.13 -15.09 -19.53
N ILE A 442 10.38 -15.25 -18.43
CA ILE A 442 9.38 -14.24 -18.10
C ILE A 442 10.04 -12.94 -17.67
N ALA A 443 11.21 -13.03 -17.02
CA ALA A 443 11.89 -11.82 -16.58
C ALA A 443 12.29 -10.95 -17.76
N GLU A 444 12.76 -11.57 -18.85
CA GLU A 444 13.10 -10.80 -20.05
C GLU A 444 11.85 -10.25 -20.72
N ARG A 445 10.74 -11.00 -20.68
CA ARG A 445 9.47 -10.45 -21.12
C ARG A 445 9.11 -9.20 -20.32
N GLY A 446 9.39 -9.23 -19.00
CA GLY A 446 9.14 -8.05 -18.19
C GLY A 446 9.98 -6.86 -18.61
N ILE A 447 11.26 -7.09 -18.91
CA ILE A 447 12.14 -6.00 -19.31
C ILE A 447 11.63 -5.34 -20.58
N ASP A 448 11.24 -6.15 -21.57
CA ASP A 448 10.86 -5.60 -22.86
C ASP A 448 9.53 -4.86 -22.78
N ASN A 449 8.55 -5.41 -22.06
CA ASN A 449 7.27 -4.74 -21.88
C ASN A 449 7.40 -3.53 -20.97
N PHE A 450 7.94 -3.74 -19.77
CA PHE A 450 8.04 -2.70 -18.75
C PHE A 450 9.50 -2.30 -18.58
N SER A 451 10.01 -1.59 -19.60
CA SER A 451 11.43 -1.26 -19.65
C SER A 451 11.88 -0.42 -18.46
N THR A 452 10.97 0.30 -17.80
CA THR A 452 11.36 1.20 -16.73
C THR A 452 11.25 0.57 -15.34
N ASP A 453 10.79 -0.68 -15.23
CA ASP A 453 10.57 -1.31 -13.94
C ASP A 453 11.84 -2.02 -13.48
N PHE A 454 12.35 -1.63 -12.31
CA PHE A 454 13.63 -2.13 -11.83
C PHE A 454 13.61 -3.64 -11.57
N ARG A 455 12.47 -4.17 -11.12
CA ARG A 455 12.44 -5.54 -10.59
C ARG A 455 12.75 -6.59 -11.65
N PHE A 456 12.36 -6.36 -12.90
CA PHE A 456 12.65 -7.35 -13.94
C PHE A 456 14.13 -7.39 -14.30
N TYR A 457 14.83 -6.27 -14.24
CA TYR A 457 16.28 -6.30 -14.43
C TYR A 457 16.95 -7.07 -13.31
N LEU A 458 16.50 -6.84 -12.07
CA LEU A 458 17.07 -7.54 -10.91
C LEU A 458 16.82 -9.04 -10.99
N TRP A 459 15.60 -9.43 -11.38
CA TRP A 459 15.32 -10.85 -11.57
C TRP A 459 16.24 -11.47 -12.62
N ALA A 460 16.42 -10.79 -13.75
CA ALA A 460 17.32 -11.30 -14.78
C ALA A 460 18.76 -11.38 -14.27
N ILE A 461 19.12 -10.52 -13.31
CA ILE A 461 20.45 -10.60 -12.72
C ILE A 461 20.56 -11.83 -11.82
N LYS A 462 19.58 -12.02 -10.92
CA LYS A 462 19.67 -13.09 -9.94
C LYS A 462 19.62 -14.47 -10.58
N ILE A 463 18.88 -14.61 -11.68
CA ILE A 463 18.65 -15.92 -12.30
C ILE A 463 19.77 -16.25 -13.28
N ASP A 464 20.00 -15.38 -14.26
CA ASP A 464 20.98 -15.61 -15.32
C ASP A 464 22.38 -15.57 -14.71
N THR A 465 22.73 -16.65 -14.01
CA THR A 465 23.99 -16.69 -13.26
C THR A 465 25.21 -16.75 -14.18
N GLU A 466 25.10 -17.43 -15.32
CA GLU A 466 26.20 -17.50 -16.27
C GLU A 466 26.38 -16.23 -17.07
N ASN A 467 25.63 -15.18 -16.76
CA ASN A 467 25.75 -13.91 -17.46
C ASN A 467 25.53 -12.72 -16.53
N ARG A 468 25.84 -12.89 -15.25
CA ARG A 468 25.52 -11.85 -14.26
C ARG A 468 26.19 -10.53 -14.62
N ALA A 469 27.43 -10.59 -15.12
CA ALA A 469 28.16 -9.37 -15.44
C ALA A 469 27.41 -8.54 -16.48
N ASN A 470 27.01 -9.16 -17.59
CA ASN A 470 26.29 -8.43 -18.63
C ASN A 470 24.91 -7.99 -18.14
N ARG A 471 24.28 -8.79 -17.28
CA ARG A 471 22.96 -8.44 -16.78
C ARG A 471 22.99 -7.16 -15.95
N ILE A 472 23.96 -7.07 -15.04
CA ILE A 472 24.12 -5.86 -14.24
C ILE A 472 24.40 -4.66 -15.12
N SER A 473 25.22 -4.86 -16.16
CA SER A 473 25.50 -3.79 -17.10
C SER A 473 24.25 -3.36 -17.85
N GLU A 474 23.47 -4.33 -18.34
CA GLU A 474 22.22 -4.00 -19.02
C GLU A 474 21.26 -3.27 -18.09
N ALA A 475 21.29 -3.62 -16.80
CA ALA A 475 20.45 -2.92 -15.83
C ALA A 475 20.95 -1.50 -15.57
N MET A 476 22.26 -1.35 -15.36
CA MET A 476 22.81 -0.01 -15.14
C MET A 476 22.51 0.94 -16.29
N ASP A 477 22.35 0.42 -17.49
CA ASP A 477 22.05 1.29 -18.63
C ASP A 477 20.70 1.98 -18.46
N GLU A 478 19.72 1.30 -17.86
CA GLU A 478 18.44 1.92 -17.58
C GLU A 478 18.41 2.59 -16.21
N PHE A 479 19.27 2.19 -15.29
CA PHE A 479 19.33 2.76 -13.94
C PHE A 479 20.78 3.12 -13.62
N PRO A 480 21.30 4.20 -14.23
CA PRO A 480 22.71 4.55 -14.02
C PRO A 480 23.03 5.02 -12.61
N ASN A 481 22.04 5.45 -11.82
CA ASN A 481 22.28 6.01 -10.51
C ASN A 481 22.01 5.03 -9.39
N ASN A 482 21.54 3.83 -9.70
CA ASN A 482 21.20 2.86 -8.67
C ASN A 482 22.47 2.33 -8.01
N ARG A 483 22.56 2.43 -6.69
CA ARG A 483 23.79 2.10 -6.00
C ARG A 483 23.89 0.62 -5.66
N TYR A 484 22.77 -0.08 -5.56
CA TYR A 484 22.81 -1.52 -5.35
C TYR A 484 23.47 -2.25 -6.52
N LEU A 485 23.11 -1.86 -7.75
CA LEU A 485 23.70 -2.47 -8.94
C LEU A 485 25.22 -2.39 -8.92
N ALA A 486 25.79 -1.26 -8.47
CA ALA A 486 27.23 -1.15 -8.37
C ALA A 486 27.78 -2.04 -7.25
N LYS A 487 27.02 -2.20 -6.16
CA LYS A 487 27.41 -3.17 -5.14
C LYS A 487 27.45 -4.57 -5.71
N LEU A 488 26.51 -4.89 -6.61
CA LEU A 488 26.47 -6.21 -7.20
C LEU A 488 27.62 -6.41 -8.17
N LEU A 489 27.92 -5.40 -8.98
CA LEU A 489 29.04 -5.51 -9.91
C LEU A 489 30.36 -5.71 -9.18
N ASP A 490 30.52 -5.04 -8.03
CA ASP A 490 31.70 -5.26 -7.21
C ASP A 490 31.73 -6.68 -6.67
N GLU A 491 30.57 -7.31 -6.48
CA GLU A 491 30.58 -8.67 -5.94
C GLU A 491 30.89 -9.72 -7.00
N VAL A 492 30.63 -9.44 -8.28
CA VAL A 492 31.08 -10.37 -9.32
C VAL A 492 32.59 -10.24 -9.52
N THR A 493 33.15 -9.03 -9.34
CA THR A 493 34.59 -8.87 -9.49
C THR A 493 35.34 -9.52 -8.33
N MET A 494 34.74 -9.51 -7.13
CA MET A 494 35.30 -10.27 -6.03
C MET A 494 35.25 -11.76 -6.31
N LEU A 495 34.15 -12.24 -6.90
CA LEU A 495 34.06 -13.65 -7.26
C LEU A 495 34.95 -13.99 -8.44
N GLN A 496 34.99 -13.12 -9.46
CA GLN A 496 35.85 -13.34 -10.63
C GLN A 496 37.27 -12.86 -10.38
#